data_7QHJ
#
_entry.id   7QHJ
#
_cell.length_a   94.31
_cell.length_b   94.31
_cell.length_c   125.37
_cell.angle_alpha   90.00
_cell.angle_beta   90.00
_cell.angle_gamma   90.00
#
_symmetry.space_group_name_H-M   'P 43 21 2'
#
loop_
_entity.id
_entity.type
_entity.pdbx_description
1 polymer 'Cathepsin L2'
2 polymer SER-ALA-ALA-AMI
3 non-polymer (4S)-2-METHYL-2,4-PENTANEDIOL
4 non-polymer GLYCEROL
5 non-polymer 'CHLORIDE ION'
6 non-polymer 'SODIUM ION'
7 water water
#
loop_
_entity_poly.entity_id
_entity_poly.type
_entity_poly.pdbx_seq_one_letter_code
_entity_poly.pdbx_strand_id
1 'polypeptide(L)'
;LPKSVDWRKKGYVTPVKNQKQCGSAWAFSATGALEGQMFRKTGKLVSLSEQNLVDCSRPQGNQGCNGGFMARAFQYVKEN
GGLDSEESYPYVAVDEICKYRPENSVAQDTGFTVVAPGKEKALMKAVATVGPISVAMDAGHSSFQFYKSGIYFEPDCSSK
NLDHGVLVVGYGFEGANSQNSKYWLVKNSWGPEWGSNGYVKIAKDKNNHCGIATAASYPNV
;
AA,BA
2 'polypeptide(L)' (ACE)GAKSAA(NH2) PA,PB
#
loop_
_chem_comp.id
_chem_comp.type
_chem_comp.name
_chem_comp.formula
ACE non-polymer 'ACETYL GROUP' 'C2 H4 O'
CL non-polymer 'CHLORIDE ION' 'Cl -1'
GOL non-polymer GLYCEROL 'C3 H8 O3'
MPD non-polymer (4S)-2-METHYL-2,4-PENTANEDIOL 'C6 H14 O2'
NA non-polymer 'SODIUM ION' 'Na 1'
NH2 non-polymer 'AMINO GROUP' 'H2 N'
#
# COMPACT_ATOMS: atom_id res chain seq x y z
N LEU A 1 9.95 -13.32 -17.68
CA LEU A 1 9.52 -12.25 -16.77
C LEU A 1 9.37 -12.73 -15.32
N PRO A 2 9.35 -11.85 -14.32
CA PRO A 2 9.18 -12.26 -12.92
C PRO A 2 7.84 -12.94 -12.69
N LYS A 3 7.82 -13.84 -11.71
CA LYS A 3 6.57 -14.53 -11.39
C LYS A 3 5.52 -13.57 -10.75
N SER A 4 6.01 -12.51 -10.13
CA SER A 4 5.13 -11.53 -9.48
C SER A 4 5.90 -10.20 -9.41
N VAL A 5 5.17 -9.08 -9.33
CA VAL A 5 5.74 -7.72 -9.26
C VAL A 5 4.89 -6.89 -8.41
N ASP A 6 5.46 -6.04 -7.56
CA ASP A 6 4.66 -5.08 -6.77
C ASP A 6 5.44 -3.84 -6.54
N TRP A 7 5.20 -2.81 -7.38
CA TRP A 7 5.98 -1.57 -7.34
C TRP A 7 5.71 -0.76 -6.05
N ARG A 8 4.59 -1.04 -5.33
CA ARG A 8 4.36 -0.36 -4.06
C ARG A 8 5.48 -0.69 -3.05
N LYS A 9 6.04 -1.89 -3.16
CA LYS A 9 7.05 -2.34 -2.21
C LYS A 9 8.42 -1.74 -2.52
N LYS A 10 8.54 -0.98 -3.63
CA LYS A 10 9.80 -0.40 -4.04
C LYS A 10 9.77 1.15 -3.98
N GLY A 11 8.68 1.73 -3.47
CA GLY A 11 8.62 3.18 -3.27
C GLY A 11 8.08 4.00 -4.42
N TYR A 12 7.61 3.35 -5.49
CA TYR A 12 7.11 3.98 -6.72
C TYR A 12 5.67 4.53 -6.63
N VAL A 13 4.91 4.21 -5.59
CA VAL A 13 3.48 4.54 -5.57
C VAL A 13 3.06 5.38 -4.38
N THR A 14 2.32 6.46 -4.66
CA THR A 14 1.82 7.33 -3.60
C THR A 14 0.60 6.71 -2.87
N PRO A 15 0.21 7.24 -1.68
CA PRO A 15 -0.96 6.73 -0.98
C PRO A 15 -2.20 6.94 -1.85
N VAL A 16 -3.23 6.16 -1.65
CA VAL A 16 -4.45 6.19 -2.43
C VAL A 16 -5.18 7.52 -2.27
N LYS A 17 -5.65 8.05 -3.42
CA LYS A 17 -6.37 9.33 -3.51
C LYS A 17 -7.85 9.13 -3.74
N ASN A 18 -8.63 10.20 -3.74
CA ASN A 18 -10.08 10.12 -3.93
C ASN A 18 -10.55 11.20 -4.92
N GLN A 19 -11.05 10.78 -6.06
CA GLN A 19 -11.56 11.70 -7.11
C GLN A 19 -12.87 12.34 -6.68
N LYS A 20 -13.57 11.78 -5.67
CA LYS A 20 -14.88 12.27 -5.25
C LYS A 20 -15.86 12.39 -6.39
N GLN A 21 -16.78 13.35 -6.33
CA GLN A 21 -17.80 13.42 -7.38
C GLN A 21 -17.36 14.26 -8.59
N CYS A 22 -16.37 13.74 -9.29
CA CYS A 22 -15.80 14.35 -10.49
C CYS A 22 -15.30 13.20 -11.37
N GLY A 23 -15.62 13.19 -12.67
CA GLY A 23 -15.20 12.07 -13.53
C GLY A 23 -13.76 12.30 -14.01
N SER A 24 -12.80 12.29 -13.06
CA SER A 24 -11.39 12.58 -13.33
C SER A 24 -10.49 11.38 -13.09
N ALA A 25 -11.05 10.16 -13.16
CA ALA A 25 -10.19 8.99 -12.92
C ALA A 25 -9.03 8.92 -13.88
N TRP A 26 -9.24 9.36 -15.11
CA TRP A 26 -8.18 9.39 -16.13
C TRP A 26 -7.02 10.23 -15.64
N ALA A 27 -7.29 11.30 -14.88
CA ALA A 27 -6.22 12.15 -14.37
C ALA A 27 -5.44 11.50 -13.25
N PHE A 28 -6.14 10.77 -12.33
CA PHE A 28 -5.43 10.04 -11.27
C PHE A 28 -4.63 8.88 -11.83
N SER A 29 -5.11 8.22 -12.88
CA SER A 29 -4.37 7.14 -13.52
C SER A 29 -3.08 7.71 -14.13
N ALA A 30 -3.20 8.88 -14.82
CA ALA A 30 -2.02 9.53 -15.45
C ALA A 30 -1.06 10.03 -14.38
N THR A 31 -1.54 10.71 -13.31
CA THR A 31 -0.55 11.12 -12.32
C THR A 31 0.13 9.90 -11.66
N GLY A 32 -0.60 8.78 -11.47
CA GLY A 32 0.01 7.61 -10.85
C GLY A 32 1.11 7.07 -11.74
N ALA A 33 0.89 7.00 -13.07
CA ALA A 33 1.96 6.47 -13.92
C ALA A 33 3.15 7.45 -13.97
N LEU A 34 2.92 8.77 -14.00
CA LEU A 34 4.00 9.74 -14.02
C LEU A 34 4.74 9.75 -12.66
N GLU A 35 4.02 9.55 -11.52
CA GLU A 35 4.73 9.49 -10.24
C GLU A 35 5.73 8.33 -10.21
N GLY A 36 5.37 7.20 -10.77
CA GLY A 36 6.29 6.06 -10.78
C GLY A 36 7.46 6.33 -11.69
N GLN A 37 7.25 6.90 -12.86
CA GLN A 37 8.39 7.15 -13.78
C GLN A 37 9.26 8.26 -13.25
N MET A 38 8.71 9.30 -12.60
CA MET A 38 9.64 10.29 -12.05
C MET A 38 10.46 9.71 -10.92
N PHE A 39 9.88 8.75 -10.16
CA PHE A 39 10.60 8.08 -9.04
C PHE A 39 11.73 7.21 -9.62
N ARG A 40 11.47 6.49 -10.71
CA ARG A 40 12.50 5.70 -11.34
C ARG A 40 13.66 6.56 -11.82
N LYS A 41 13.35 7.78 -12.28
CA LYS A 41 14.38 8.66 -12.83
C LYS A 41 15.16 9.41 -11.78
N THR A 42 14.54 9.78 -10.68
CA THR A 42 15.18 10.65 -9.68
C THR A 42 15.34 10.10 -8.28
N GLY A 43 14.60 9.05 -7.93
CA GLY A 43 14.65 8.55 -6.57
C GLY A 43 13.78 9.29 -5.57
N LYS A 44 12.96 10.28 -6.06
CA LYS A 44 12.07 11.04 -5.22
C LYS A 44 10.60 10.78 -5.58
N LEU A 45 9.80 10.44 -4.57
CA LEU A 45 8.39 10.22 -4.79
C LEU A 45 7.66 11.51 -4.47
N VAL A 46 7.05 12.16 -5.50
CA VAL A 46 6.33 13.43 -5.29
C VAL A 46 4.92 13.34 -5.83
N SER A 47 3.93 13.61 -4.99
CA SER A 47 2.55 13.55 -5.46
C SER A 47 2.29 14.62 -6.53
N LEU A 48 1.65 14.23 -7.65
CA LEU A 48 1.40 15.15 -8.76
C LEU A 48 -0.06 15.64 -8.80
N SER A 49 -0.29 16.76 -9.50
CA SER A 49 -1.58 17.43 -9.53
C SER A 49 -2.58 16.99 -10.56
N GLU A 50 -3.63 16.25 -10.09
CA GLU A 50 -4.75 15.89 -10.96
C GLU A 50 -5.52 17.16 -11.37
N GLN A 51 -5.61 18.18 -10.46
CA GLN A 51 -6.39 19.36 -10.80
C GLN A 51 -5.75 20.09 -11.95
N ASN A 52 -4.38 20.07 -12.04
CA ASN A 52 -3.72 20.73 -13.15
C ASN A 52 -4.17 20.07 -14.45
N LEU A 53 -4.30 18.73 -14.48
CA LEU A 53 -4.77 18.03 -15.67
C LEU A 53 -6.24 18.35 -15.95
N VAL A 54 -7.08 18.33 -14.89
CA VAL A 54 -8.53 18.62 -15.05
C VAL A 54 -8.74 20.04 -15.66
N ASP A 55 -8.07 21.04 -15.10
CA ASP A 55 -8.27 22.42 -15.57
C ASP A 55 -7.61 22.80 -16.87
N CYS A 56 -6.48 22.16 -17.21
CA CYS A 56 -5.67 22.62 -18.35
C CYS A 56 -5.61 21.78 -19.61
N SER A 57 -6.14 20.54 -19.61
CA SER A 57 -5.94 19.72 -20.80
C SER A 57 -7.10 19.56 -21.75
N ARG A 58 -8.03 20.53 -21.71
CA ARG A 58 -9.11 20.55 -22.69
C ARG A 58 -8.62 20.63 -24.16
N PRO A 59 -7.60 21.41 -24.49
CA PRO A 59 -7.15 21.45 -25.90
C PRO A 59 -6.73 20.12 -26.48
N GLN A 60 -6.20 19.23 -25.63
CA GLN A 60 -5.76 17.88 -26.01
C GLN A 60 -6.89 16.90 -26.11
N GLY A 61 -8.14 17.36 -25.81
CA GLY A 61 -9.30 16.50 -25.92
C GLY A 61 -9.88 15.92 -24.63
N ASN A 62 -9.38 16.35 -23.48
CA ASN A 62 -9.96 15.92 -22.19
C ASN A 62 -11.15 16.86 -21.86
N GLN A 63 -12.03 16.41 -20.97
CA GLN A 63 -13.23 17.20 -20.61
C GLN A 63 -13.35 17.37 -19.08
N GLY A 64 -12.22 17.42 -18.38
CA GLY A 64 -12.24 17.66 -16.94
C GLY A 64 -13.01 16.66 -16.13
N CYS A 65 -14.03 17.18 -15.39
CA CYS A 65 -14.85 16.31 -14.55
C CYS A 65 -15.86 15.53 -15.38
N ASN A 66 -15.94 15.74 -16.68
N ASN A 66 -15.93 15.74 -16.70
CA ASN A 66 -16.86 15.00 -17.53
CA ASN A 66 -16.84 14.99 -17.52
C ASN A 66 -16.14 13.87 -18.29
C ASN A 66 -16.16 13.86 -18.29
N GLY A 67 -14.89 13.56 -17.92
CA GLY A 67 -14.17 12.47 -18.57
C GLY A 67 -12.89 12.90 -19.30
N GLY A 68 -12.13 11.90 -19.81
CA GLY A 68 -10.85 12.16 -20.44
C GLY A 68 -10.11 10.85 -20.64
N PHE A 69 -8.86 10.97 -21.10
CA PHE A 69 -8.06 9.80 -21.43
C PHE A 69 -6.64 10.03 -21.00
N MET A 70 -6.00 8.95 -20.50
CA MET A 70 -4.63 9.07 -20.02
C MET A 70 -3.59 9.48 -21.09
N ALA A 71 -3.76 8.96 -22.34
CA ALA A 71 -2.80 9.36 -23.39
C ALA A 71 -2.87 10.86 -23.69
N ARG A 72 -4.11 11.41 -23.62
CA ARG A 72 -4.29 12.83 -23.86
C ARG A 72 -3.66 13.61 -22.74
N ALA A 73 -3.68 13.07 -21.48
CA ALA A 73 -3.00 13.75 -20.40
C ALA A 73 -1.48 13.74 -20.59
N PHE A 74 -0.92 12.57 -21.03
CA PHE A 74 0.53 12.58 -21.24
C PHE A 74 0.93 13.52 -22.42
N GLN A 75 0.04 13.64 -23.42
N GLN A 75 -0.03 13.64 -23.35
CA GLN A 75 0.25 14.57 -24.53
CA GLN A 75 0.22 14.54 -24.47
C GLN A 75 0.27 15.97 -24.00
C GLN A 75 0.28 15.97 -23.97
N TYR A 76 -0.65 16.33 -23.08
CA TYR A 76 -0.64 17.67 -22.51
C TYR A 76 0.65 17.92 -21.76
N VAL A 77 1.12 16.96 -20.95
CA VAL A 77 2.32 17.26 -20.18
C VAL A 77 3.53 17.53 -21.15
N LYS A 78 3.58 16.77 -22.26
CA LYS A 78 4.65 16.95 -23.26
C LYS A 78 4.53 18.34 -23.90
N GLU A 79 3.32 18.71 -24.40
CA GLU A 79 3.18 20.00 -25.09
C GLU A 79 3.36 21.14 -24.15
N ASN A 80 2.94 20.96 -22.90
CA ASN A 80 3.01 21.99 -21.86
C ASN A 80 4.38 22.21 -21.28
N GLY A 81 5.25 21.19 -21.32
CA GLY A 81 6.57 21.33 -20.73
C GLY A 81 6.69 21.04 -19.27
N GLY A 82 5.60 20.56 -18.65
CA GLY A 82 5.66 20.29 -17.21
C GLY A 82 4.31 20.01 -16.53
N LEU A 83 4.35 19.68 -15.25
CA LEU A 83 3.12 19.33 -14.47
C LEU A 83 3.39 19.69 -13.04
N ASP A 84 2.49 20.43 -12.41
CA ASP A 84 2.66 20.87 -11.06
C ASP A 84 2.46 19.79 -9.97
N SER A 85 3.03 20.02 -8.77
CA SER A 85 2.85 19.08 -7.64
C SER A 85 1.46 19.18 -7.08
N GLU A 86 0.99 18.12 -6.40
CA GLU A 86 -0.32 18.08 -5.77
C GLU A 86 -0.42 19.18 -4.73
N GLU A 87 0.71 19.38 -4.06
CA GLU A 87 0.82 20.39 -3.04
C GLU A 87 0.64 21.81 -3.56
N SER A 88 1.23 22.09 -4.69
CA SER A 88 1.13 23.46 -5.19
C SER A 88 -0.14 23.74 -5.98
N TYR A 89 -0.83 22.69 -6.48
CA TYR A 89 -2.04 22.83 -7.30
C TYR A 89 -3.01 21.76 -6.74
N PRO A 90 -3.63 22.00 -5.59
CA PRO A 90 -4.52 21.07 -4.91
C PRO A 90 -5.79 20.71 -5.62
N TYR A 91 -6.27 19.48 -5.29
CA TYR A 91 -7.47 18.93 -5.89
C TYR A 91 -8.78 19.37 -5.24
N VAL A 92 -9.75 19.88 -6.04
CA VAL A 92 -11.03 20.36 -5.50
C VAL A 92 -12.23 19.69 -6.11
N ALA A 93 -11.99 18.75 -7.04
CA ALA A 93 -13.04 17.94 -7.66
C ALA A 93 -14.14 18.66 -8.42
N VAL A 94 -13.77 19.81 -9.05
CA VAL A 94 -14.69 20.56 -9.94
C VAL A 94 -13.84 21.23 -11.01
N ASP A 95 -14.42 21.50 -12.17
CA ASP A 95 -13.67 22.17 -13.23
C ASP A 95 -13.38 23.62 -12.87
N GLU A 96 -12.12 24.02 -12.92
CA GLU A 96 -11.73 25.38 -12.58
C GLU A 96 -10.78 26.01 -13.64
N ILE A 97 -10.40 27.28 -13.42
CA ILE A 97 -9.46 27.97 -14.32
C ILE A 97 -8.08 27.33 -14.26
N CYS A 98 -7.47 27.17 -15.45
CA CYS A 98 -6.11 26.61 -15.53
C CYS A 98 -5.13 27.56 -14.80
N LYS A 99 -4.47 27.10 -13.77
CA LYS A 99 -3.52 27.86 -12.99
C LYS A 99 -2.11 27.19 -13.04
N TYR A 100 -1.76 26.62 -14.20
CA TYR A 100 -0.44 26.00 -14.32
C TYR A 100 0.66 27.04 -14.10
N ARG A 101 1.62 26.71 -13.25
CA ARG A 101 2.77 27.55 -12.94
C ARG A 101 4.03 26.81 -13.22
N PRO A 102 4.82 27.21 -14.22
CA PRO A 102 6.07 26.48 -14.51
C PRO A 102 7.02 26.38 -13.35
N GLU A 103 7.07 27.37 -12.48
CA GLU A 103 7.98 27.35 -11.36
C GLU A 103 7.65 26.25 -10.34
N ASN A 104 6.40 25.72 -10.39
CA ASN A 104 6.00 24.64 -9.48
C ASN A 104 6.03 23.31 -10.18
N SER A 105 6.54 23.21 -11.41
CA SER A 105 6.59 21.90 -12.08
C SER A 105 7.57 20.94 -11.43
N VAL A 106 7.16 19.66 -11.28
CA VAL A 106 8.07 18.65 -10.72
C VAL A 106 8.09 17.44 -11.63
N ALA A 107 7.48 17.51 -12.79
CA ALA A 107 7.49 16.39 -13.72
C ALA A 107 7.44 16.80 -15.18
N GLN A 108 7.92 15.92 -16.07
CA GLN A 108 7.92 16.15 -17.51
C GLN A 108 7.84 14.83 -18.25
N ASP A 109 7.38 14.83 -19.47
CA ASP A 109 7.44 13.64 -20.31
C ASP A 109 7.61 14.09 -21.78
N THR A 110 8.10 13.18 -22.61
CA THR A 110 8.38 13.45 -24.03
C THR A 110 7.34 12.79 -24.92
N GLY A 111 6.27 12.26 -24.31
CA GLY A 111 5.24 11.54 -25.06
C GLY A 111 4.92 10.28 -24.25
N PHE A 112 4.42 9.28 -24.89
CA PHE A 112 4.03 8.06 -24.19
C PHE A 112 4.16 6.86 -25.05
N THR A 113 4.18 5.67 -24.39
CA THR A 113 4.26 4.41 -25.11
C THR A 113 2.95 3.67 -24.97
N VAL A 114 2.46 3.11 -26.01
CA VAL A 114 1.24 2.30 -25.98
C VAL A 114 1.54 0.79 -25.91
N VAL A 115 0.81 0.09 -25.03
CA VAL A 115 0.89 -1.37 -24.97
C VAL A 115 -0.05 -1.91 -26.05
N ALA A 116 0.42 -2.96 -26.77
CA ALA A 116 -0.44 -3.46 -27.87
C ALA A 116 -1.80 -3.83 -27.29
N PRO A 117 -2.88 -3.31 -27.89
N PRO A 117 -2.88 -3.28 -27.87
CA PRO A 117 -4.23 -3.58 -27.40
CA PRO A 117 -4.21 -3.56 -27.35
C PRO A 117 -4.66 -5.02 -27.30
C PRO A 117 -4.64 -5.02 -27.28
N GLY A 118 -5.22 -5.34 -26.14
CA GLY A 118 -5.73 -6.67 -25.87
C GLY A 118 -4.64 -7.68 -25.49
N LYS A 119 -3.37 -7.27 -25.50
CA LYS A 119 -2.34 -8.25 -25.17
C LYS A 119 -1.92 -8.27 -23.70
N GLU A 120 -2.50 -9.19 -22.90
CA GLU A 120 -2.14 -9.30 -21.48
C GLU A 120 -0.66 -9.63 -21.31
N LYS A 121 -0.06 -10.41 -22.29
CA LYS A 121 1.35 -10.68 -22.12
C LYS A 121 2.19 -9.47 -22.35
N ALA A 122 1.73 -8.58 -23.28
CA ALA A 122 2.43 -7.34 -23.53
C ALA A 122 2.33 -6.39 -22.31
N LEU A 123 1.15 -6.40 -21.63
CA LEU A 123 0.97 -5.57 -20.42
C LEU A 123 1.90 -6.09 -19.32
N MET A 124 2.00 -7.46 -19.24
CA MET A 124 2.88 -8.06 -18.21
C MET A 124 4.35 -7.63 -18.40
N LYS A 125 4.81 -7.65 -19.66
CA LYS A 125 6.14 -7.20 -19.90
C LYS A 125 6.36 -5.72 -19.56
N ALA A 126 5.36 -4.81 -19.88
CA ALA A 126 5.52 -3.41 -19.54
C ALA A 126 5.56 -3.22 -18.03
N VAL A 127 4.64 -3.91 -17.30
CA VAL A 127 4.63 -3.72 -15.83
C VAL A 127 5.98 -4.21 -15.20
N ALA A 128 6.51 -5.35 -15.70
CA ALA A 128 7.77 -5.87 -15.13
C ALA A 128 8.99 -5.05 -15.42
N THR A 129 8.99 -4.39 -16.60
CA THR A 129 10.20 -3.68 -16.98
C THR A 129 10.17 -2.19 -16.76
N VAL A 130 8.97 -1.56 -16.71
CA VAL A 130 8.85 -0.11 -16.63
C VAL A 130 8.46 0.47 -15.29
N GLY A 131 7.42 -0.09 -14.69
CA GLY A 131 6.84 0.43 -13.47
C GLY A 131 5.31 0.42 -13.61
N PRO A 132 4.61 1.17 -12.75
CA PRO A 132 3.13 1.20 -12.83
C PRO A 132 2.65 1.71 -14.23
N ILE A 133 1.57 1.08 -14.74
CA ILE A 133 1.04 1.33 -16.10
C ILE A 133 -0.39 1.85 -16.02
N SER A 134 -0.71 2.96 -16.73
CA SER A 134 -2.13 3.44 -16.81
C SER A 134 -2.93 2.49 -17.66
N VAL A 135 -4.17 2.14 -17.19
CA VAL A 135 -5.05 1.28 -17.96
C VAL A 135 -6.51 1.68 -17.84
N ALA A 136 -7.26 1.41 -18.86
CA ALA A 136 -8.69 1.63 -18.79
C ALA A 136 -9.39 0.30 -18.43
N MET A 137 -10.57 0.38 -17.81
CA MET A 137 -11.31 -0.82 -17.44
C MET A 137 -12.80 -0.57 -17.40
N ASP A 138 -13.58 -1.67 -17.44
CA ASP A 138 -15.03 -1.56 -17.23
C ASP A 138 -15.32 -1.68 -15.74
N ALA A 139 -15.57 -0.55 -15.03
CA ALA A 139 -15.78 -0.57 -13.59
C ALA A 139 -17.26 -0.37 -13.23
N GLY A 140 -18.13 -0.36 -14.27
CA GLY A 140 -19.56 -0.06 -14.05
C GLY A 140 -20.39 -1.19 -13.48
N HIS A 141 -20.05 -1.69 -12.30
CA HIS A 141 -20.79 -2.81 -11.70
C HIS A 141 -20.89 -2.70 -10.21
N SER A 142 -22.04 -3.07 -9.66
CA SER A 142 -22.13 -3.05 -8.22
C SER A 142 -21.13 -3.96 -7.54
N SER A 143 -20.78 -5.09 -8.22
CA SER A 143 -19.82 -6.03 -7.66
C SER A 143 -18.44 -5.33 -7.49
N PHE A 144 -18.14 -4.35 -8.37
CA PHE A 144 -16.87 -3.60 -8.24
C PHE A 144 -16.96 -2.53 -7.15
N GLN A 145 -18.13 -1.88 -7.08
N GLN A 145 -18.12 -1.92 -7.11
CA GLN A 145 -18.32 -0.89 -6.03
CA GLN A 145 -18.34 -0.91 -6.09
C GLN A 145 -18.20 -1.48 -4.65
C GLN A 145 -18.22 -1.48 -4.69
N PHE A 146 -18.66 -2.70 -4.48
CA PHE A 146 -18.64 -3.35 -3.20
C PHE A 146 -17.54 -4.35 -3.04
N TYR A 147 -16.53 -4.34 -3.96
CA TYR A 147 -15.42 -5.28 -3.84
C TYR A 147 -14.67 -5.13 -2.53
N LYS A 148 -14.24 -6.24 -1.93
N LYS A 148 -14.21 -6.24 -1.91
CA LYS A 148 -13.48 -6.15 -0.70
CA LYS A 148 -13.46 -6.21 -0.66
C LYS A 148 -12.28 -7.10 -0.67
C LYS A 148 -12.25 -7.11 -0.69
N SER A 149 -12.46 -8.36 -1.13
CA SER A 149 -11.36 -9.32 -1.15
C SER A 149 -11.48 -10.30 -2.29
N GLY A 150 -10.37 -11.03 -2.53
CA GLY A 150 -10.31 -12.08 -3.53
C GLY A 150 -9.97 -11.55 -4.91
N ILE A 151 -9.94 -12.47 -5.88
CA ILE A 151 -9.67 -12.10 -7.28
C ILE A 151 -10.96 -11.70 -7.92
N TYR A 152 -11.08 -10.45 -8.32
CA TYR A 152 -12.34 -9.96 -8.91
C TYR A 152 -12.56 -10.57 -10.29
N PHE A 153 -13.78 -11.10 -10.46
CA PHE A 153 -14.20 -11.68 -11.75
C PHE A 153 -15.70 -11.45 -11.85
N GLU A 154 -16.11 -10.69 -12.87
CA GLU A 154 -17.49 -10.33 -13.13
C GLU A 154 -17.92 -10.75 -14.52
N PRO A 155 -18.89 -11.67 -14.65
CA PRO A 155 -19.37 -12.10 -15.97
C PRO A 155 -19.88 -11.00 -16.83
N ASP A 156 -20.45 -9.96 -16.25
N ASP A 156 -20.43 -9.96 -16.19
CA ASP A 156 -21.01 -8.88 -17.03
CA ASP A 156 -20.98 -8.85 -16.95
C ASP A 156 -19.94 -7.90 -17.58
C ASP A 156 -19.92 -7.89 -17.53
N CYS A 157 -18.65 -8.10 -17.19
CA CYS A 157 -17.58 -7.19 -17.65
C CYS A 157 -17.33 -7.21 -19.13
N SER A 158 -17.11 -6.04 -19.69
CA SER A 158 -16.75 -5.90 -21.09
C SER A 158 -15.25 -5.67 -21.21
N SER A 159 -14.64 -6.24 -22.28
CA SER A 159 -13.24 -5.97 -22.56
C SER A 159 -13.12 -4.83 -23.60
N LYS A 160 -14.24 -4.30 -24.10
CA LYS A 160 -14.13 -3.29 -25.13
C LYS A 160 -14.85 -2.00 -24.81
N ASN A 161 -15.95 -2.06 -24.05
CA ASN A 161 -16.63 -0.82 -23.71
C ASN A 161 -16.25 -0.50 -22.26
N LEU A 162 -15.29 0.43 -22.15
CA LEU A 162 -14.70 0.80 -20.86
C LEU A 162 -15.13 2.15 -20.35
N ASP A 163 -15.06 2.39 -19.02
CA ASP A 163 -15.52 3.66 -18.46
C ASP A 163 -14.73 4.24 -17.32
N HIS A 164 -13.53 3.67 -17.06
CA HIS A 164 -12.79 4.11 -15.88
C HIS A 164 -11.30 3.92 -16.07
N GLY A 165 -10.48 4.82 -15.56
CA GLY A 165 -9.02 4.71 -15.67
C GLY A 165 -8.49 4.37 -14.30
N VAL A 166 -7.53 3.43 -14.27
CA VAL A 166 -6.92 2.94 -13.00
C VAL A 166 -5.40 2.73 -13.25
N LEU A 167 -4.67 2.20 -12.28
CA LEU A 167 -3.20 2.06 -12.44
C LEU A 167 -2.81 0.67 -12.10
N VAL A 168 -2.18 -0.07 -13.01
CA VAL A 168 -1.66 -1.41 -12.65
C VAL A 168 -0.29 -1.23 -11.97
N VAL A 169 -0.22 -1.61 -10.66
CA VAL A 169 1.03 -1.45 -9.89
C VAL A 169 1.78 -2.79 -9.81
N GLY A 170 1.27 -3.86 -10.38
CA GLY A 170 1.99 -5.16 -10.28
C GLY A 170 1.07 -6.28 -10.69
N TYR A 171 1.53 -7.51 -10.41
CA TYR A 171 0.75 -8.72 -10.71
C TYR A 171 1.26 -9.84 -9.81
N GLY A 172 0.42 -10.84 -9.64
CA GLY A 172 0.80 -11.94 -8.75
C GLY A 172 -0.07 -13.16 -8.99
N PHE A 173 0.00 -14.06 -8.00
CA PHE A 173 -0.76 -15.28 -8.05
C PHE A 173 -1.03 -15.80 -6.66
N GLU A 174 -2.09 -16.57 -6.55
CA GLU A 174 -2.44 -17.23 -5.30
C GLU A 174 -1.79 -18.60 -5.26
N GLY A 175 -1.49 -19.10 -4.06
CA GLY A 175 -0.93 -20.44 -3.90
C GLY A 175 0.51 -20.60 -4.31
N ALA A 176 0.96 -21.85 -4.52
CA ALA A 176 2.35 -22.09 -4.89
C ALA A 176 2.62 -22.17 -6.40
N ASN A 177 1.58 -22.38 -7.20
CA ASN A 177 1.82 -22.44 -8.63
C ASN A 177 1.66 -21.03 -9.22
N SER A 178 2.75 -20.53 -9.78
CA SER A 178 2.76 -19.17 -10.36
C SER A 178 1.97 -19.10 -11.67
N GLN A 179 1.59 -20.26 -12.23
CA GLN A 179 0.90 -20.35 -13.51
C GLN A 179 -0.60 -20.42 -13.42
N ASN A 180 -1.19 -20.29 -12.23
CA ASN A 180 -2.65 -20.28 -12.18
C ASN A 180 -3.12 -19.40 -11.06
N SER A 181 -4.42 -19.08 -11.01
CA SER A 181 -5.06 -18.15 -10.08
C SER A 181 -4.26 -16.84 -10.02
N LYS A 182 -3.99 -16.33 -11.20
CA LYS A 182 -3.22 -15.10 -11.39
C LYS A 182 -4.07 -13.84 -11.30
N TYR A 183 -3.45 -12.73 -10.94
CA TYR A 183 -4.19 -11.46 -10.83
C TYR A 183 -3.30 -10.27 -11.11
N TRP A 184 -3.97 -9.17 -11.51
CA TRP A 184 -3.37 -7.83 -11.69
C TRP A 184 -3.57 -7.09 -10.37
N LEU A 185 -2.57 -6.37 -9.87
CA LEU A 185 -2.74 -5.49 -8.68
C LEU A 185 -3.11 -4.10 -9.19
N VAL A 186 -4.30 -3.61 -8.83
CA VAL A 186 -4.77 -2.32 -9.39
C VAL A 186 -5.07 -1.31 -8.34
N LYS A 187 -4.52 -0.11 -8.48
CA LYS A 187 -4.79 1.06 -7.60
C LYS A 187 -5.95 1.82 -8.19
N ASN A 188 -6.98 2.07 -7.35
CA ASN A 188 -8.11 2.90 -7.77
C ASN A 188 -7.98 4.29 -7.17
N SER A 189 -8.96 5.17 -7.46
CA SER A 189 -8.96 6.56 -6.96
C SER A 189 -10.28 6.84 -6.28
N TRP A 190 -10.76 5.90 -5.50
CA TRP A 190 -12.05 6.03 -4.79
C TRP A 190 -11.76 6.11 -3.31
N GLY A 191 -10.55 6.46 -2.92
CA GLY A 191 -10.17 6.56 -1.52
C GLY A 191 -9.72 5.23 -0.94
N PRO A 192 -8.94 5.26 0.16
CA PRO A 192 -8.45 4.04 0.84
C PRO A 192 -9.56 3.14 1.41
N GLU A 193 -10.71 3.75 1.71
CA GLU A 193 -11.82 2.97 2.25
C GLU A 193 -12.47 2.05 1.26
N TRP A 194 -12.39 2.38 -0.03
CA TRP A 194 -12.98 1.53 -1.05
C TRP A 194 -12.12 0.31 -1.22
N GLY A 195 -12.77 -0.85 -1.54
CA GLY A 195 -11.94 -2.00 -1.82
C GLY A 195 -11.01 -2.46 -0.71
N SER A 196 -9.85 -2.98 -1.03
CA SER A 196 -8.88 -3.42 -0.04
C SER A 196 -7.83 -2.33 0.09
N ASN A 197 -7.99 -1.39 1.05
CA ASN A 197 -7.07 -0.27 1.19
C ASN A 197 -6.95 0.55 -0.14
N GLY A 198 -8.04 0.53 -0.96
CA GLY A 198 -8.06 1.31 -2.19
C GLY A 198 -7.62 0.55 -3.42
N TYR A 199 -7.26 -0.74 -3.22
CA TYR A 199 -6.82 -1.66 -4.25
C TYR A 199 -7.74 -2.77 -4.53
N VAL A 200 -7.54 -3.41 -5.70
CA VAL A 200 -8.28 -4.57 -6.13
C VAL A 200 -7.36 -5.54 -6.93
N LYS A 201 -7.62 -6.86 -6.70
N LYS A 201 -7.67 -6.86 -6.73
CA LYS A 201 -6.98 -7.90 -7.47
CA LYS A 201 -7.00 -7.90 -7.50
C LYS A 201 -7.94 -8.21 -8.62
C LYS A 201 -7.93 -8.22 -8.64
N ILE A 202 -7.53 -8.06 -9.90
CA ILE A 202 -8.41 -8.36 -11.06
C ILE A 202 -7.88 -9.61 -11.75
N ALA A 203 -8.80 -10.52 -12.14
CA ALA A 203 -8.32 -11.79 -12.78
C ALA A 203 -7.40 -11.50 -13.97
N LYS A 204 -6.27 -12.26 -14.01
CA LYS A 204 -5.23 -12.10 -15.04
C LYS A 204 -5.15 -13.36 -15.90
N ASP A 205 -4.98 -13.15 -17.21
N ASP A 205 -4.97 -13.20 -17.21
CA ASP A 205 -4.91 -14.19 -18.23
CA ASP A 205 -4.95 -14.30 -18.18
C ASP A 205 -6.24 -14.98 -18.24
C ASP A 205 -6.31 -15.00 -18.22
N LYS A 206 -7.36 -14.23 -18.09
CA LYS A 206 -8.73 -14.73 -18.19
C LYS A 206 -9.42 -13.89 -19.28
N ASN A 207 -8.83 -13.94 -20.45
CA ASN A 207 -9.29 -13.27 -21.62
C ASN A 207 -9.46 -11.79 -21.48
N ASN A 208 -8.40 -11.09 -21.02
CA ASN A 208 -8.44 -9.62 -20.91
C ASN A 208 -9.65 -9.14 -20.10
N HIS A 209 -9.79 -9.68 -18.90
CA HIS A 209 -10.99 -9.40 -18.09
C HIS A 209 -11.15 -7.88 -17.77
N CYS A 210 -12.37 -7.41 -17.96
CA CYS A 210 -12.72 -5.99 -17.78
C CYS A 210 -11.88 -5.03 -18.64
N GLY A 211 -11.20 -5.54 -19.70
CA GLY A 211 -10.47 -4.68 -20.62
C GLY A 211 -9.16 -4.12 -20.10
N ILE A 212 -8.54 -4.72 -19.03
N ILE A 212 -8.57 -4.72 -19.06
CA ILE A 212 -7.33 -4.09 -18.48
CA ILE A 212 -7.35 -4.15 -18.47
C ILE A 212 -6.19 -3.90 -19.49
C ILE A 212 -6.20 -3.94 -19.47
N ALA A 213 -6.07 -4.77 -20.53
CA ALA A 213 -4.99 -4.62 -21.49
C ALA A 213 -5.51 -3.98 -22.81
N THR A 214 -6.75 -3.53 -22.87
CA THR A 214 -7.29 -2.91 -24.08
C THR A 214 -6.69 -1.53 -24.41
N ALA A 215 -6.44 -0.69 -23.42
CA ALA A 215 -5.95 0.65 -23.71
C ALA A 215 -4.98 1.06 -22.61
N ALA A 216 -3.82 0.41 -22.59
CA ALA A 216 -2.81 0.66 -21.58
C ALA A 216 -1.65 1.52 -22.13
N SER A 217 -1.09 2.41 -21.29
CA SER A 217 -0.02 3.28 -21.77
C SER A 217 0.82 3.77 -20.61
N TYR A 218 2.01 4.32 -20.89
CA TYR A 218 2.81 4.91 -19.86
C TYR A 218 3.63 6.12 -20.43
N PRO A 219 3.93 7.13 -19.64
CA PRO A 219 4.72 8.31 -20.09
C PRO A 219 6.17 7.96 -20.27
N ASN A 220 6.81 8.66 -21.18
CA ASN A 220 8.23 8.48 -21.42
C ASN A 220 8.91 9.61 -20.78
N VAL A 221 9.77 9.37 -19.80
CA VAL A 221 10.41 10.49 -19.09
C VAL A 221 11.91 10.60 -19.32
N LEU B 1 -2.14 16.85 21.35
CA LEU B 1 -1.94 15.92 20.22
C LEU B 1 -3.12 15.87 19.28
N PRO B 2 -2.92 15.46 18.01
CA PRO B 2 -4.01 15.38 17.04
C PRO B 2 -5.11 14.36 17.45
N LYS B 3 -6.32 14.64 17.06
CA LYS B 3 -7.47 13.80 17.37
C LYS B 3 -7.42 12.48 16.61
N SER B 4 -6.70 12.47 15.50
CA SER B 4 -6.58 11.23 14.76
C SER B 4 -5.29 11.24 14.00
N VAL B 5 -4.77 10.04 13.70
CA VAL B 5 -3.52 9.92 13.02
C VAL B 5 -3.58 8.68 12.13
N ASP B 6 -3.03 8.78 10.92
CA ASP B 6 -3.01 7.61 10.06
C ASP B 6 -1.81 7.71 9.17
N TRP B 7 -0.74 7.04 9.53
CA TRP B 7 0.49 7.09 8.78
C TRP B 7 0.41 6.51 7.37
N ARG B 8 -0.61 5.71 7.09
CA ARG B 8 -0.73 5.21 5.71
C ARG B 8 -0.89 6.39 4.71
N LYS B 9 -1.53 7.47 5.16
CA LYS B 9 -1.79 8.62 4.26
C LYS B 9 -0.54 9.39 3.96
N LYS B 10 0.54 9.16 4.70
CA LYS B 10 1.78 9.90 4.53
C LYS B 10 2.88 9.13 3.88
N GLY B 11 2.57 7.88 3.46
CA GLY B 11 3.56 7.08 2.77
C GLY B 11 4.49 6.19 3.58
N TYR B 12 4.22 6.03 4.88
CA TYR B 12 5.04 5.23 5.80
C TYR B 12 4.80 3.72 5.81
N VAL B 13 3.73 3.25 5.15
CA VAL B 13 3.31 1.85 5.31
C VAL B 13 3.19 1.06 4.01
N THR B 14 3.89 -0.10 3.97
CA THR B 14 3.85 -1.03 2.85
C THR B 14 2.51 -1.81 2.84
N PRO B 15 2.24 -2.49 1.69
CA PRO B 15 0.99 -3.25 1.64
C PRO B 15 0.87 -4.36 2.74
N VAL B 16 -0.32 -4.84 2.99
CA VAL B 16 -0.54 -5.96 3.93
C VAL B 16 0.20 -7.19 3.37
N LYS B 17 0.90 -7.89 4.28
CA LYS B 17 1.69 -9.10 4.00
C LYS B 17 0.99 -10.27 4.70
N ASN B 18 1.51 -11.50 4.45
CA ASN B 18 0.86 -12.69 5.03
C ASN B 18 1.95 -13.69 5.49
N GLN B 19 2.03 -13.86 6.81
CA GLN B 19 2.98 -14.77 7.47
C GLN B 19 2.66 -16.25 7.13
N LYS B 20 1.43 -16.56 6.71
CA LYS B 20 0.99 -17.93 6.42
C LYS B 20 1.27 -18.82 7.64
N GLN B 21 1.63 -20.11 7.39
CA GLN B 21 1.76 -21.05 8.52
C GLN B 21 3.16 -21.12 9.10
N CYS B 22 3.56 -20.01 9.71
CA CYS B 22 4.86 -19.80 10.32
C CYS B 22 4.66 -18.82 11.47
N GLY B 23 5.17 -19.08 12.68
CA GLY B 23 4.96 -18.16 13.79
C GLY B 23 5.95 -17.02 13.77
N SER B 24 5.87 -16.17 12.71
CA SER B 24 6.77 -15.08 12.44
C SER B 24 6.09 -13.70 12.55
N ALA B 25 4.98 -13.55 13.30
CA ALA B 25 4.36 -12.21 13.36
C ALA B 25 5.32 -11.17 13.91
N TRP B 26 6.22 -11.59 14.82
CA TRP B 26 7.20 -10.67 15.41
C TRP B 26 8.07 -10.09 14.32
N ALA B 27 8.35 -10.86 13.24
CA ALA B 27 9.19 -10.36 12.19
C ALA B 27 8.44 -9.30 11.32
N PHE B 28 7.13 -9.52 11.08
CA PHE B 28 6.32 -8.59 10.29
C PHE B 28 6.11 -7.31 11.04
N SER B 29 5.96 -7.44 12.37
CA SER B 29 5.80 -6.23 13.19
C SER B 29 7.06 -5.43 13.16
N ALA B 30 8.22 -6.11 13.24
CA ALA B 30 9.49 -5.40 13.24
C ALA B 30 9.79 -4.74 11.92
N THR B 31 9.56 -5.48 10.78
CA THR B 31 9.80 -4.83 9.48
C THR B 31 8.79 -3.66 9.26
N GLY B 32 7.56 -3.72 9.77
CA GLY B 32 6.67 -2.60 9.53
C GLY B 32 7.20 -1.36 10.25
N ALA B 33 7.73 -1.54 11.47
CA ALA B 33 8.22 -0.37 12.17
C ALA B 33 9.45 0.16 11.52
N LEU B 34 10.40 -0.71 11.11
CA LEU B 34 11.63 -0.27 10.47
C LEU B 34 11.34 0.38 9.08
N GLU B 35 10.33 -0.14 8.33
CA GLU B 35 9.95 0.47 7.07
C GLU B 35 9.44 1.92 7.30
N GLY B 36 8.72 2.15 8.35
CA GLY B 36 8.22 3.49 8.62
C GLY B 36 9.35 4.42 9.02
N GLN B 37 10.31 3.93 9.82
CA GLN B 37 11.39 4.83 10.25
C GLN B 37 12.36 5.09 9.12
N MET B 38 12.63 4.10 8.27
CA MET B 38 13.52 4.31 7.14
C MET B 38 12.92 5.27 6.12
N PHE B 39 11.58 5.23 5.97
CA PHE B 39 10.91 6.15 5.07
C PHE B 39 11.08 7.56 5.57
N ARG B 40 10.91 7.75 6.87
CA ARG B 40 11.08 9.07 7.43
C ARG B 40 12.47 9.60 7.22
N LYS B 41 13.47 8.74 7.21
CA LYS B 41 14.84 9.20 7.03
C LYS B 41 15.26 9.44 5.60
N THR B 42 14.71 8.67 4.65
CA THR B 42 15.17 8.77 3.26
C THR B 42 14.12 9.19 2.23
N GLY B 43 12.83 9.10 2.56
CA GLY B 43 11.81 9.42 1.58
C GLY B 43 11.47 8.26 0.67
N LYS B 44 12.13 7.08 0.87
CA LYS B 44 11.87 5.91 0.06
C LYS B 44 11.23 4.83 0.89
N LEU B 45 10.08 4.35 0.44
CA LEU B 45 9.35 3.24 1.13
C LEU B 45 9.80 1.95 0.45
N VAL B 46 10.58 1.13 1.18
CA VAL B 46 11.09 -0.13 0.61
C VAL B 46 10.74 -1.29 1.55
N SER B 47 10.06 -2.31 1.02
CA SER B 47 9.69 -3.48 1.83
C SER B 47 10.95 -4.26 2.27
N LEU B 48 10.95 -4.64 3.58
CA LEU B 48 12.06 -5.36 4.19
C LEU B 48 11.76 -6.82 4.32
N SER B 49 12.84 -7.60 4.47
CA SER B 49 12.75 -9.07 4.48
C SER B 49 12.46 -9.74 5.81
N GLU B 50 11.23 -10.22 5.97
CA GLU B 50 10.94 -11.01 7.15
C GLU B 50 11.75 -12.32 7.10
N GLN B 51 12.02 -12.85 5.90
CA GLN B 51 12.75 -14.12 5.84
C GLN B 51 14.13 -13.96 6.36
N ASN B 52 14.75 -12.80 6.14
CA ASN B 52 16.08 -12.53 6.65
C ASN B 52 16.04 -12.57 8.18
N LEU B 53 14.97 -12.02 8.79
CA LEU B 53 14.86 -12.06 10.24
C LEU B 53 14.59 -13.48 10.74
N VAL B 54 13.74 -14.22 10.07
CA VAL B 54 13.44 -15.60 10.50
C VAL B 54 14.67 -16.49 10.41
N ASP B 55 15.39 -16.44 9.31
CA ASP B 55 16.56 -17.30 9.13
C ASP B 55 17.82 -16.94 9.89
N CYS B 56 18.02 -15.65 10.20
CA CYS B 56 19.30 -15.22 10.77
C CYS B 56 19.31 -14.72 12.22
N SER B 57 18.18 -14.57 12.91
CA SER B 57 18.28 -13.93 14.22
C SER B 57 18.22 -14.83 15.46
N ARG B 58 18.50 -16.14 15.26
CA ARG B 58 18.56 -17.07 16.39
C ARG B 58 19.63 -16.62 17.42
N PRO B 59 20.81 -16.13 17.02
CA PRO B 59 21.75 -15.70 18.07
C PRO B 59 21.21 -14.68 19.02
N GLN B 60 20.32 -13.79 18.55
CA GLN B 60 19.71 -12.77 19.36
C GLN B 60 18.56 -13.27 20.21
N GLY B 61 18.21 -14.54 20.08
CA GLY B 61 17.17 -15.15 20.89
C GLY B 61 15.80 -15.37 20.24
N ASN B 62 15.69 -15.12 18.90
CA ASN B 62 14.43 -15.41 18.19
C ASN B 62 14.40 -16.89 17.79
N GLN B 63 13.21 -17.45 17.49
CA GLN B 63 13.12 -18.86 17.14
C GLN B 63 12.42 -19.12 15.80
N GLY B 64 12.69 -18.24 14.79
CA GLY B 64 12.12 -18.41 13.46
C GLY B 64 10.61 -18.55 13.44
N CYS B 65 10.13 -19.68 12.86
CA CYS B 65 8.70 -19.96 12.79
C CYS B 65 8.10 -20.39 14.15
N ASN B 66 8.95 -20.58 15.17
N ASN B 66 8.99 -20.54 15.13
CA ASN B 66 8.43 -20.94 16.48
CA ASN B 66 8.50 -20.92 16.45
C ASN B 66 8.32 -19.75 17.43
C ASN B 66 8.39 -19.73 17.41
N GLY B 67 8.32 -18.53 16.89
CA GLY B 67 8.16 -17.33 17.72
C GLY B 67 9.39 -16.46 17.84
N GLY B 68 9.19 -15.28 18.46
CA GLY B 68 10.26 -14.31 18.60
C GLY B 68 9.75 -12.99 19.17
N PHE B 69 10.64 -11.99 19.13
CA PHE B 69 10.33 -10.69 19.69
C PHE B 69 10.80 -9.60 18.81
N MET B 70 9.97 -8.55 18.67
CA MET B 70 10.38 -7.44 17.82
C MET B 70 11.66 -6.77 18.32
N ALA B 71 11.81 -6.66 19.67
CA ALA B 71 13.03 -6.05 20.13
C ALA B 71 14.27 -6.85 19.78
N ARG B 72 14.18 -8.20 19.79
CA ARG B 72 15.37 -8.96 19.39
C ARG B 72 15.64 -8.80 17.92
N ALA B 73 14.57 -8.55 17.14
CA ALA B 73 14.77 -8.29 15.73
C ALA B 73 15.52 -7.00 15.52
N PHE B 74 15.15 -5.95 16.21
CA PHE B 74 15.91 -4.72 16.06
C PHE B 74 17.35 -4.92 16.57
N GLN B 75 17.53 -5.80 17.60
CA GLN B 75 18.89 -6.01 18.11
C GLN B 75 19.74 -6.70 17.06
N TYR B 76 19.14 -7.63 16.28
CA TYR B 76 19.82 -8.30 15.22
C TYR B 76 20.23 -7.34 14.12
N VAL B 77 19.29 -6.43 13.69
CA VAL B 77 19.71 -5.49 12.64
C VAL B 77 20.92 -4.66 13.08
N LYS B 78 20.92 -4.21 14.35
CA LYS B 78 22.06 -3.42 14.83
C LYS B 78 23.36 -4.22 14.86
N GLU B 79 23.32 -5.48 15.35
CA GLU B 79 24.54 -6.28 15.45
C GLU B 79 25.04 -6.72 14.12
N ASN B 80 24.09 -6.91 13.20
CA ASN B 80 24.45 -7.38 11.90
C ASN B 80 24.90 -6.29 10.96
N GLY B 81 24.54 -5.03 11.31
CA GLY B 81 24.93 -3.93 10.44
C GLY B 81 24.01 -3.72 9.25
N GLY B 82 22.87 -4.46 9.17
CA GLY B 82 22.01 -4.30 8.01
C GLY B 82 20.87 -5.29 8.02
N LEU B 83 19.97 -5.15 7.03
CA LEU B 83 18.77 -6.00 6.83
C LEU B 83 18.44 -5.92 5.35
N ASP B 84 18.33 -7.06 4.68
CA ASP B 84 18.03 -7.09 3.25
C ASP B 84 16.57 -6.77 2.88
N SER B 85 16.42 -6.26 1.64
CA SER B 85 15.12 -5.94 1.09
C SER B 85 14.30 -7.23 0.85
N GLU B 86 12.97 -7.14 0.88
CA GLU B 86 12.13 -8.28 0.56
C GLU B 86 12.43 -8.74 -0.86
N GLU B 87 12.68 -7.79 -1.79
CA GLU B 87 12.93 -8.18 -3.16
C GLU B 87 14.13 -9.09 -3.31
N SER B 88 15.17 -8.83 -2.54
CA SER B 88 16.40 -9.64 -2.61
C SER B 88 16.32 -10.95 -1.83
N TYR B 89 15.49 -10.96 -0.79
CA TYR B 89 15.41 -12.09 0.14
C TYR B 89 13.92 -12.39 0.41
N PRO B 90 13.25 -13.08 -0.54
CA PRO B 90 11.81 -13.40 -0.44
C PRO B 90 11.33 -14.31 0.67
N TYR B 91 10.08 -14.08 1.07
CA TYR B 91 9.47 -14.85 2.14
C TYR B 91 8.86 -16.17 1.71
N VAL B 92 9.19 -17.29 2.37
CA VAL B 92 8.66 -18.62 2.00
C VAL B 92 7.94 -19.30 3.16
N ALA B 93 7.81 -18.57 4.27
CA ALA B 93 7.06 -19.06 5.45
C ALA B 93 7.57 -20.38 6.04
N VAL B 94 8.86 -20.63 6.02
CA VAL B 94 9.47 -21.81 6.66
C VAL B 94 10.79 -21.35 7.17
N ASP B 95 11.32 -22.08 8.12
CA ASP B 95 12.63 -21.78 8.68
C ASP B 95 13.72 -22.24 7.71
N GLU B 96 14.63 -21.36 7.33
CA GLU B 96 15.69 -21.75 6.38
C GLU B 96 17.06 -21.24 6.82
N ILE B 97 18.12 -21.69 6.11
CA ILE B 97 19.49 -21.27 6.41
C ILE B 97 19.70 -19.79 6.07
N CYS B 98 20.40 -19.06 6.93
CA CYS B 98 20.65 -17.63 6.72
C CYS B 98 21.35 -17.37 5.42
N LYS B 99 20.86 -16.38 4.64
CA LYS B 99 21.42 -16.01 3.37
C LYS B 99 21.69 -14.51 3.29
N TYR B 100 21.87 -13.84 4.44
CA TYR B 100 22.09 -12.39 4.40
C TYR B 100 23.32 -11.97 3.60
N ARG B 101 23.16 -10.92 2.76
CA ARG B 101 24.23 -10.31 1.99
C ARG B 101 24.28 -8.80 2.26
N PRO B 102 25.40 -8.20 2.72
CA PRO B 102 25.47 -6.77 2.97
C PRO B 102 25.17 -5.95 1.70
N GLU B 103 25.52 -6.49 0.52
CA GLU B 103 25.28 -5.81 -0.76
C GLU B 103 23.78 -5.54 -0.98
N ASN B 104 22.92 -6.39 -0.40
CA ASN B 104 21.47 -6.25 -0.54
C ASN B 104 20.77 -5.53 0.59
N SER B 105 21.54 -5.03 1.58
CA SER B 105 20.96 -4.33 2.70
C SER B 105 20.38 -2.97 2.29
N VAL B 106 19.23 -2.62 2.87
CA VAL B 106 18.58 -1.31 2.64
C VAL B 106 18.14 -0.68 3.93
N ALA B 107 18.54 -1.23 5.08
CA ALA B 107 18.14 -0.67 6.35
C ALA B 107 19.17 -0.94 7.45
N GLN B 108 19.20 -0.03 8.43
CA GLN B 108 20.10 -0.15 9.59
C GLN B 108 19.42 0.44 10.79
N ASP B 109 19.81 0.00 11.99
CA ASP B 109 19.28 0.68 13.17
C ASP B 109 20.36 0.60 14.25
N THR B 110 20.26 1.48 15.24
CA THR B 110 21.27 1.54 16.31
C THR B 110 20.75 0.99 17.64
N GLY B 111 19.60 0.35 17.62
CA GLY B 111 18.97 -0.13 18.84
C GLY B 111 17.49 0.20 18.74
N PHE B 112 16.83 0.28 19.85
CA PHE B 112 15.42 0.59 19.88
C PHE B 112 15.00 1.31 21.14
N THR B 113 13.82 1.94 21.08
CA THR B 113 13.22 2.65 22.18
C THR B 113 11.92 1.97 22.64
N VAL B 114 11.72 1.82 23.96
CA VAL B 114 10.54 1.24 24.53
C VAL B 114 9.58 2.32 25.00
N VAL B 115 8.30 2.18 24.65
CA VAL B 115 7.27 3.08 25.11
C VAL B 115 6.99 2.76 26.56
N ALA B 116 6.54 3.74 27.38
CA ALA B 116 6.31 3.40 28.79
C ALA B 116 5.29 2.29 28.84
N PRO B 117 5.63 1.17 29.51
CA PRO B 117 4.70 0.04 29.59
C PRO B 117 3.36 0.27 30.21
N GLY B 118 2.32 -0.23 29.50
CA GLY B 118 0.96 -0.13 29.98
C GLY B 118 0.26 1.21 29.83
N LYS B 119 0.96 2.21 29.27
CA LYS B 119 0.38 3.54 29.18
C LYS B 119 -0.19 3.89 27.83
N GLU B 120 -1.50 3.84 27.67
CA GLU B 120 -2.07 4.20 26.35
C GLU B 120 -1.78 5.63 25.97
N LYS B 121 -1.71 6.56 26.95
CA LYS B 121 -1.34 7.91 26.50
C LYS B 121 0.09 8.01 26.05
N ALA B 122 1.03 7.20 26.61
CA ALA B 122 2.35 7.29 26.10
C ALA B 122 2.40 6.71 24.69
N LEU B 123 1.63 5.63 24.44
CA LEU B 123 1.60 5.08 23.10
C LEU B 123 1.01 6.08 22.12
N MET B 124 -0.04 6.80 22.56
CA MET B 124 -0.64 7.83 21.67
C MET B 124 0.37 8.87 21.30
N LYS B 125 1.20 9.36 22.27
CA LYS B 125 2.21 10.33 21.93
C LYS B 125 3.29 9.77 21.03
N ALA B 126 3.72 8.49 21.20
CA ALA B 126 4.72 7.98 20.34
C ALA B 126 4.18 7.81 18.90
N VAL B 127 2.91 7.39 18.78
CA VAL B 127 2.36 7.22 17.42
C VAL B 127 2.29 8.55 16.69
N ALA B 128 1.86 9.60 17.44
CA ALA B 128 1.69 10.93 16.84
C ALA B 128 2.99 11.55 16.44
N THR B 129 4.11 11.23 17.13
CA THR B 129 5.39 11.88 16.81
C THR B 129 6.44 11.09 16.08
N VAL B 130 6.42 9.75 16.21
CA VAL B 130 7.44 8.93 15.57
C VAL B 130 7.03 8.28 14.24
N GLY B 131 5.84 7.69 14.21
CA GLY B 131 5.40 6.95 13.04
C GLY B 131 4.83 5.64 13.55
N PRO B 132 4.75 4.61 12.69
CA PRO B 132 4.19 3.31 13.13
C PRO B 132 4.97 2.64 14.32
N ILE B 133 4.26 2.00 15.24
CA ILE B 133 4.91 1.43 16.40
C ILE B 133 4.61 -0.06 16.51
N SER B 134 5.69 -0.85 16.76
CA SER B 134 5.51 -2.28 16.99
C SER B 134 4.81 -2.54 18.30
N VAL B 135 3.87 -3.45 18.38
CA VAL B 135 3.21 -3.74 19.66
C VAL B 135 2.82 -5.20 19.70
N ALA B 136 2.73 -5.76 20.91
CA ALA B 136 2.26 -7.09 21.16
C ALA B 136 0.82 -7.04 21.60
N MET B 137 0.04 -8.06 21.36
CA MET B 137 -1.35 -8.09 21.76
C MET B 137 -1.82 -9.52 22.07
N ASP B 138 -2.94 -9.65 22.74
CA ASP B 138 -3.52 -10.95 22.97
C ASP B 138 -4.49 -11.17 21.80
N ALA B 139 -4.07 -12.04 20.85
CA ALA B 139 -4.86 -12.39 19.69
C ALA B 139 -5.50 -13.77 19.83
N GLY B 140 -5.41 -14.39 21.06
CA GLY B 140 -5.90 -15.75 21.28
C GLY B 140 -7.36 -16.00 21.50
N HIS B 141 -8.24 -15.48 20.65
CA HIS B 141 -9.67 -15.63 20.77
C HIS B 141 -10.25 -15.79 19.40
N SER B 142 -11.25 -16.61 19.27
CA SER B 142 -11.88 -16.87 18.00
C SER B 142 -12.47 -15.62 17.42
N SER B 143 -12.87 -14.68 18.27
CA SER B 143 -13.44 -13.43 17.76
C SER B 143 -12.42 -12.65 16.94
N PHE B 144 -11.14 -12.79 17.23
CA PHE B 144 -10.11 -12.07 16.47
C PHE B 144 -9.90 -12.76 15.14
N GLN B 145 -9.89 -14.08 15.14
CA GLN B 145 -9.73 -14.83 13.93
C GLN B 145 -10.78 -14.53 12.88
N PHE B 146 -12.03 -14.31 13.33
CA PHE B 146 -13.16 -14.08 12.47
C PHE B 146 -13.55 -12.61 12.37
N TYR B 147 -12.73 -11.72 12.89
CA TYR B 147 -13.02 -10.29 12.78
C TYR B 147 -13.13 -9.81 11.32
N LYS B 148 -14.15 -8.94 11.10
CA LYS B 148 -14.41 -8.38 9.78
C LYS B 148 -14.39 -6.87 9.77
N SER B 149 -15.05 -6.24 10.73
CA SER B 149 -15.07 -4.79 10.69
C SER B 149 -15.52 -4.20 11.97
N GLY B 150 -15.35 -2.91 12.06
CA GLY B 150 -15.80 -2.22 13.26
C GLY B 150 -14.79 -2.22 14.37
N ILE B 151 -15.18 -1.66 15.54
CA ILE B 151 -14.23 -1.63 16.64
C ILE B 151 -14.18 -2.96 17.40
N TYR B 152 -12.99 -3.57 17.41
CA TYR B 152 -12.79 -4.84 18.12
C TYR B 152 -12.71 -4.69 19.66
N PHE B 153 -13.64 -5.39 20.33
CA PHE B 153 -13.67 -5.44 21.77
C PHE B 153 -14.01 -6.86 22.19
N GLU B 154 -13.05 -7.52 22.85
CA GLU B 154 -13.23 -8.87 23.31
C GLU B 154 -13.18 -8.88 24.86
N PRO B 155 -14.30 -9.23 25.45
CA PRO B 155 -14.31 -9.24 26.93
C PRO B 155 -13.25 -10.10 27.61
N ASP B 156 -12.90 -11.19 26.95
CA ASP B 156 -11.89 -12.07 27.57
C ASP B 156 -10.46 -11.74 27.23
N CYS B 157 -10.25 -10.62 26.50
CA CYS B 157 -8.93 -10.22 26.19
C CYS B 157 -8.08 -9.90 27.40
N SER B 158 -6.83 -10.27 27.35
CA SER B 158 -5.86 -10.05 28.41
C SER B 158 -4.95 -8.90 28.09
N SER B 159 -4.73 -8.01 29.07
CA SER B 159 -3.77 -6.96 28.83
C SER B 159 -2.36 -7.41 29.17
N LYS B 160 -2.16 -8.63 29.73
CA LYS B 160 -0.83 -9.07 30.13
C LYS B 160 -0.36 -10.34 29.45
N ASN B 161 -1.29 -11.23 29.13
CA ASN B 161 -0.92 -12.48 28.47
C ASN B 161 -1.04 -12.33 26.95
N LEU B 162 0.07 -11.94 26.33
CA LEU B 162 0.15 -11.62 24.88
C LEU B 162 0.77 -12.73 24.07
N ASP B 163 0.39 -12.81 22.77
CA ASP B 163 0.92 -13.87 21.92
C ASP B 163 1.07 -13.48 20.45
N HIS B 164 0.95 -12.18 20.12
CA HIS B 164 1.03 -11.83 18.67
C HIS B 164 1.63 -10.45 18.45
N GLY B 165 2.49 -10.30 17.48
CA GLY B 165 3.07 -9.00 17.19
C GLY B 165 2.32 -8.36 16.04
N VAL B 166 2.00 -7.05 16.16
CA VAL B 166 1.27 -6.29 15.12
C VAL B 166 1.86 -4.88 15.08
N LEU B 167 1.32 -4.01 14.19
CA LEU B 167 1.87 -2.66 14.00
C LEU B 167 0.74 -1.64 14.16
N VAL B 168 0.93 -0.68 15.11
CA VAL B 168 -0.03 0.42 15.23
C VAL B 168 0.41 1.51 14.26
N VAL B 169 -0.50 1.84 13.27
CA VAL B 169 -0.19 2.86 12.24
C VAL B 169 -0.94 4.14 12.50
N GLY B 170 -1.74 4.16 13.55
CA GLY B 170 -2.49 5.37 13.85
C GLY B 170 -3.58 5.15 14.85
N TYR B 171 -4.49 6.13 15.02
CA TYR B 171 -5.61 6.01 15.94
C TYR B 171 -6.71 6.96 15.48
N GLY B 172 -7.88 6.79 15.98
CA GLY B 172 -8.96 7.67 15.55
C GLY B 172 -10.22 7.45 16.33
N PHE B 173 -11.34 7.77 15.74
CA PHE B 173 -12.59 7.63 16.42
C PHE B 173 -13.71 7.53 15.43
N GLU B 174 -14.81 6.93 15.86
CA GLU B 174 -16.00 6.84 15.04
C GLU B 174 -16.97 7.91 15.40
N GLY B 175 -17.78 8.35 14.45
CA GLY B 175 -18.80 9.34 14.77
C GLY B 175 -18.28 10.76 14.91
N ALA B 176 -19.13 11.69 15.39
CA ALA B 176 -18.66 13.06 15.46
C ALA B 176 -17.88 13.43 16.72
N ASN B 177 -17.99 12.64 17.79
CA ASN B 177 -17.24 13.03 18.98
C ASN B 177 -15.87 12.37 19.05
N SER B 178 -14.83 13.18 19.15
CA SER B 178 -13.46 12.67 19.14
C SER B 178 -13.05 11.99 20.44
N GLN B 179 -13.86 12.12 21.47
CA GLN B 179 -13.53 11.56 22.76
C GLN B 179 -14.23 10.25 23.08
N ASN B 180 -14.97 9.68 22.10
CA ASN B 180 -15.54 8.37 22.40
C ASN B 180 -15.50 7.54 21.16
N SER B 181 -15.66 6.20 21.29
CA SER B 181 -15.56 5.28 20.16
C SER B 181 -14.20 5.37 19.55
N LYS B 182 -13.22 5.48 20.37
CA LYS B 182 -11.86 5.60 19.96
C LYS B 182 -11.29 4.26 19.62
N TYR B 183 -10.31 4.28 18.76
CA TYR B 183 -9.66 3.03 18.38
C TYR B 183 -8.26 3.22 17.93
N TRP B 184 -7.51 2.12 17.98
CA TRP B 184 -6.17 2.04 17.46
C TRP B 184 -6.25 1.40 16.03
N LEU B 185 -5.52 1.99 15.08
CA LEU B 185 -5.46 1.46 13.72
C LEU B 185 -4.29 0.47 13.69
N VAL B 186 -4.60 -0.84 13.49
CA VAL B 186 -3.57 -1.88 13.56
C VAL B 186 -3.43 -2.70 12.23
N LYS B 187 -2.21 -2.75 11.75
CA LYS B 187 -1.89 -3.57 10.56
C LYS B 187 -1.58 -4.98 11.05
N ASN B 188 -2.30 -5.96 10.55
CA ASN B 188 -1.97 -7.40 10.86
C ASN B 188 -1.09 -7.98 9.70
N SER B 189 -0.67 -9.26 9.86
CA SER B 189 0.15 -9.93 8.83
C SER B 189 -0.54 -11.25 8.47
N TRP B 190 -1.86 -11.22 8.29
CA TRP B 190 -2.65 -12.40 7.95
C TRP B 190 -3.27 -12.29 6.56
N GLY B 191 -2.66 -11.41 5.73
CA GLY B 191 -3.15 -11.14 4.37
C GLY B 191 -4.30 -10.15 4.38
N PRO B 192 -4.64 -9.59 3.19
CA PRO B 192 -5.72 -8.58 3.01
C PRO B 192 -7.16 -9.04 3.12
N GLU B 193 -7.41 -10.36 3.12
CA GLU B 193 -8.76 -10.86 3.27
C GLU B 193 -9.23 -10.84 4.73
N TRP B 194 -8.27 -11.17 5.61
CA TRP B 194 -8.59 -11.12 7.05
C TRP B 194 -8.98 -9.71 7.47
N GLY B 195 -10.04 -9.51 8.25
CA GLY B 195 -10.39 -8.16 8.70
C GLY B 195 -10.83 -7.26 7.55
N SER B 196 -11.31 -7.85 6.43
CA SER B 196 -11.76 -7.15 5.20
C SER B 196 -10.66 -6.47 4.44
N ASN B 197 -9.69 -5.82 5.15
CA ASN B 197 -8.59 -5.21 4.40
C ASN B 197 -7.22 -5.46 5.02
N GLY B 198 -7.18 -6.43 5.97
CA GLY B 198 -5.93 -6.76 6.63
C GLY B 198 -5.61 -5.94 7.89
N TYR B 199 -6.46 -4.96 8.20
CA TYR B 199 -6.37 -4.07 9.37
C TYR B 199 -7.48 -4.31 10.32
N VAL B 200 -7.25 -3.91 11.59
CA VAL B 200 -8.26 -3.99 12.64
C VAL B 200 -8.23 -2.71 13.47
N LYS B 201 -9.43 -2.30 13.89
CA LYS B 201 -9.61 -1.17 14.79
C LYS B 201 -9.75 -1.74 16.22
N ILE B 202 -8.77 -1.60 17.03
CA ILE B 202 -8.88 -2.12 18.40
C ILE B 202 -9.38 -1.04 19.36
N ALA B 203 -10.26 -1.39 20.28
CA ALA B 203 -10.77 -0.34 21.17
C ALA B 203 -9.63 0.38 21.88
N LYS B 204 -9.74 1.74 21.95
CA LYS B 204 -8.73 2.59 22.52
C LYS B 204 -9.26 3.29 23.78
N ASP B 205 -8.35 3.43 24.73
CA ASP B 205 -8.58 4.04 26.03
C ASP B 205 -9.65 3.29 26.73
N LYS B 206 -9.61 1.96 26.60
CA LYS B 206 -10.52 1.10 27.32
C LYS B 206 -9.67 0.16 28.15
N ASN B 207 -8.82 0.74 28.99
CA ASN B 207 -7.96 -0.01 29.91
C ASN B 207 -6.97 -0.91 29.20
N ASN B 208 -6.25 -0.37 28.19
CA ASN B 208 -5.21 -1.10 27.50
C ASN B 208 -5.74 -2.42 26.95
N HIS B 209 -6.84 -2.35 26.19
CA HIS B 209 -7.48 -3.56 25.69
C HIS B 209 -6.58 -4.44 24.79
N CYS B 210 -6.59 -5.75 25.12
CA CYS B 210 -5.79 -6.79 24.45
C CYS B 210 -4.30 -6.48 24.61
N GLY B 211 -3.91 -5.53 25.53
CA GLY B 211 -2.50 -5.29 25.77
C GLY B 211 -1.70 -4.48 24.76
N ILE B 212 -2.34 -3.69 23.87
N ILE B 212 -2.36 -3.70 23.93
CA ILE B 212 -1.56 -2.99 22.84
CA ILE B 212 -1.70 -2.94 22.87
C ILE B 212 -0.52 -2.05 23.39
C ILE B 212 -0.59 -2.01 23.36
N ALA B 213 -0.72 -1.46 24.59
CA ALA B 213 0.31 -0.59 25.11
C ALA B 213 1.25 -1.28 26.09
N THR B 214 1.06 -2.60 26.32
CA THR B 214 1.93 -3.28 27.29
C THR B 214 3.39 -3.47 26.90
N ALA B 215 3.69 -3.69 25.58
CA ALA B 215 5.04 -3.95 25.15
C ALA B 215 5.28 -3.36 23.75
N ALA B 216 5.23 -2.06 23.71
CA ALA B 216 5.42 -1.33 22.47
C ALA B 216 6.82 -0.80 22.30
N SER B 217 7.34 -0.76 21.07
CA SER B 217 8.69 -0.32 20.79
C SER B 217 8.88 0.10 19.35
N TYR B 218 9.97 0.80 19.05
CA TYR B 218 10.28 1.24 17.69
C TYR B 218 11.78 1.33 17.52
N PRO B 219 12.34 1.00 16.37
CA PRO B 219 13.77 1.06 16.07
C PRO B 219 14.36 2.45 16.00
N ASN B 220 15.68 2.66 16.29
CA ASN B 220 16.27 3.97 16.18
C ASN B 220 17.09 4.02 14.94
N VAL B 221 16.77 4.91 14.00
CA VAL B 221 17.55 4.89 12.76
C VAL B 221 18.44 6.14 12.57
N SER C 5 -15.52 7.39 -21.99
CA SER C 5 -14.16 7.78 -21.70
C SER C 5 -13.81 7.24 -20.33
N ALA C 6 -12.61 7.51 -19.85
CA ALA C 6 -12.18 6.97 -18.55
C ALA C 6 -12.54 7.85 -17.38
N ALA C 7 -13.82 8.19 -17.25
CA ALA C 7 -14.26 9.04 -16.14
C ALA C 7 -14.11 8.40 -14.76
N NH2 C 8 -14.25 7.07 -14.66
HN1 NH2 C 8 -14.18 6.65 -13.80
HN2 NH2 C 8 -14.43 6.54 -15.46
N SER D 5 5.59 -15.94 23.12
CA SER D 5 6.30 -15.00 22.25
C SER D 5 5.34 -14.34 21.32
N ALA D 6 5.86 -13.47 20.46
CA ALA D 6 4.96 -12.80 19.54
C ALA D 6 4.82 -13.53 18.18
N ALA D 7 4.44 -14.83 18.21
CA ALA D 7 4.27 -15.67 17.01
C ALA D 7 3.13 -15.22 16.12
N NH2 D 8 2.06 -14.61 16.68
HN1 NH2 D 8 2.04 -14.45 17.66
HN2 NH2 D 8 1.33 -14.34 16.13
C1 MPD E . -17.58 2.83 -13.66
C2 MPD E . -17.99 4.20 -13.21
O2 MPD E . -16.82 5.01 -13.19
CM MPD E . -19.00 4.78 -14.20
C3 MPD E . -18.56 4.05 -11.79
C4 MPD E . -19.65 3.00 -11.57
O4 MPD E . -19.50 2.38 -10.29
C5 MPD E . -21.05 3.53 -11.80
C1 MPD F . -19.12 5.89 -4.25
C2 MPD F . -17.97 5.31 -5.07
O2 MPD F . -18.52 4.69 -6.24
CM MPD F . -17.25 4.27 -4.24
C3 MPD F . -16.98 6.40 -5.52
C4 MPD F . -16.99 7.78 -4.89
O4 MPD F . -16.91 7.72 -3.46
C5 MPD F . -15.76 8.50 -5.43
C1 MPD G . 3.62 6.44 -32.04
C2 MPD G . 2.33 6.82 -31.40
O2 MPD G . 2.60 7.65 -30.27
CM MPD G . 1.62 5.57 -30.90
C3 MPD G . 1.46 7.60 -32.39
C4 MPD G . 0.31 8.43 -31.90
O4 MPD G . 0.78 9.42 -30.98
C5 MPD G . -0.29 9.16 -33.08
C1 GOL H . -4.73 -5.44 -1.44
O1 GOL H . -3.47 -4.82 -1.40
C2 GOL H . -4.98 -5.93 -2.84
O2 GOL H . -4.26 -7.13 -3.06
C3 GOL H . -6.44 -6.16 -3.19
O3 GOL H . -7.00 -7.33 -2.58
C1 GOL I . -9.66 27.54 -18.32
O1 GOL I . -8.51 28.26 -18.22
C2 GOL I . -9.39 26.28 -19.11
O2 GOL I . -10.54 25.45 -19.07
C3 GOL I . -9.05 26.64 -20.55
O3 GOL I . -8.66 25.48 -21.28
CL CL J . -5.73 6.60 -22.86
CL CL K . -2.66 -3.73 1.04
C1 GOL L . -9.47 6.54 -29.49
O1 GOL L . -10.43 5.75 -28.82
C2 GOL L . -8.91 7.56 -28.52
O2 GOL L . -10.01 8.11 -27.79
C3 GOL L . -7.95 6.95 -27.53
O3 GOL L . -7.36 7.97 -26.74
C1 GOL M . -0.11 22.69 -24.54
O1 GOL M . -0.34 22.23 -25.82
C2 GOL M . -1.18 23.70 -24.18
O2 GOL M . -2.31 23.06 -23.60
C3 GOL M . -0.60 24.66 -23.19
O3 GOL M . 0.42 25.39 -23.82
C1 GOL N . 3.00 25.76 -21.59
O1 GOL N . 4.33 26.03 -22.00
C2 GOL N . 2.44 26.99 -21.00
O2 GOL N . 3.48 27.56 -20.21
C3 GOL N . 2.09 27.97 -22.12
O3 GOL N . 0.84 27.65 -22.72
C1 MPD O . 16.66 3.37 -7.58
C2 MPD O . 15.77 4.42 -8.27
O2 MPD O . 15.51 4.00 -9.61
CM MPD O . 14.45 4.50 -7.52
C3 MPD O . 16.45 5.80 -8.29
C4 MPD O . 17.71 5.99 -9.12
O4 MPD O . 17.86 7.38 -9.42
C5 MPD O . 18.94 5.48 -8.42
C1 GOL P . 8.63 -2.19 -23.70
O1 GOL P . 8.63 -2.37 -22.30
C2 GOL P . 7.29 -2.63 -24.27
O2 GOL P . 6.80 -3.73 -23.52
C3 GOL P . 6.26 -1.54 -24.19
O3 GOL P . 5.01 -2.08 -24.56
C1 GOL Q . -7.42 13.36 -3.40
O1 GOL Q . -7.28 12.47 -2.30
C2 GOL Q . -6.08 13.85 -3.89
O2 GOL Q . -6.21 14.45 -5.16
C3 GOL Q . -5.34 14.76 -2.94
O3 GOL Q . -4.88 14.03 -1.82
CL CL R . -7.42 -11.45 -1.21
CL CL S . -13.01 11.87 -28.69
NA NA T . -9.59 -7.36 1.34
CL CL U . 9.37 -7.18 21.61
C1 GOL V . -1.05 1.43 3.38
O1 GOL V . -0.44 2.48 2.70
C2 GOL V . -1.54 0.38 2.40
O2 GOL V . -0.47 0.02 1.54
C3 GOL V . -1.96 -0.84 3.17
O3 GOL V . -0.87 -1.31 3.90
C1 GOL W . 20.27 -13.87 -2.11
O1 GOL W . 20.37 -12.91 -3.13
C2 GOL W . 19.36 -13.32 -1.07
O2 GOL W . 18.25 -14.17 -0.84
C3 GOL W . 20.00 -12.87 0.19
O3 GOL W . 21.02 -11.92 -0.08
C1 MPD X . -4.77 -15.99 17.01
C2 MPD X . -4.27 -17.38 16.65
O2 MPD X . -4.66 -17.67 15.31
CM MPD X . -4.90 -18.41 17.58
C3 MPD X . -2.74 -17.43 16.74
C4 MPD X . -2.06 -17.00 18.02
O4 MPD X . -1.50 -15.70 17.88
C5 MPD X . -2.98 -17.05 19.20
C1 GOL Y . 1.38 1.00 -0.73
O1 GOL Y . 1.78 0.40 0.46
C2 GOL Y . 1.98 2.35 -0.77
O2 GOL Y . 1.97 2.79 -2.10
C3 GOL Y . 1.22 3.30 0.13
O3 GOL Y . 2.07 4.34 0.54
C1 GOL Z . 9.38 8.73 22.53
O1 GOL Z . 8.88 7.49 22.96
C2 GOL Z . 8.29 9.51 21.86
O2 GOL Z . 7.17 9.60 22.74
C3 GOL Z . 8.76 10.90 21.51
O3 GOL Z . 9.90 10.82 20.67
C1 GOL AA . -2.81 -15.62 25.58
O1 GOL AA . -2.31 -14.66 24.65
C2 GOL AA . -4.23 -15.26 26.04
O2 GOL AA . -5.16 -15.62 25.04
C3 GOL AA . -4.64 -15.95 27.34
O3 GOL AA . -5.89 -15.43 27.80
#